data_7VWG
#
_entry.id   7VWG
#
_cell.length_a   39.500
_cell.length_b   94.314
_cell.length_c   96.247
_cell.angle_alpha   90.000
_cell.angle_beta   97.372
_cell.angle_gamma   90.000
#
_symmetry.space_group_name_H-M   'P 1 21 1'
#
loop_
_entity.id
_entity.type
_entity.pdbx_description
1 polymer 'Peroxisome proliferator-activated receptor delta'
2 non-polymer 'heptyl beta-D-glucopyranoside'
3 non-polymer '(2S)-2-[[4-propoxy-3-[[[4-(trifluoromethyl)phenyl]carbonylamino]methyl]phenyl]methyl]butanoic acid'
4 water water
#
_entity_poly.entity_id   1
_entity_poly.type   'polypeptide(L)'
_entity_poly.pdbx_seq_one_letter_code
;GSHMPQVADLKAFSKHIYNAYLKNFNMTKKKARSILTGKASHTAPFVIHDIETLWQAEKGLVWKQLVNGLPPYKEISVHV
FYRCQCTTVETVRELTEFAKSIPSFSSLFLNDQVTLLKYGVHEAIFAMLASIVNKDGLLVANGSGFVTREFLRSLRKPFS
DIIEPKFEFAVKFNALELDDSDLALFIAAIILCGDRPGLMNVPRVEAIQDTILRALEFHLQANHPDAQYLFPKLLQKMAD
LRQLVTEHAQMMQRIKKTETETSLHPLLQEIYKDMY
;
_entity_poly.pdbx_strand_id   A,B
#
# COMPACT_ATOMS: atom_id res chain seq x y z
N ASP A 9 -11.14 25.44 9.28
CA ASP A 9 -10.49 24.65 8.24
C ASP A 9 -9.12 24.14 8.71
N LEU A 10 -8.20 25.06 8.96
CA LEU A 10 -6.86 24.66 9.38
C LEU A 10 -6.87 24.09 10.79
N LYS A 11 -7.76 24.56 11.66
CA LYS A 11 -7.94 23.91 12.95
C LYS A 11 -8.59 22.54 12.79
N ALA A 12 -9.59 22.44 11.90
CA ALA A 12 -10.24 21.16 11.64
C ALA A 12 -9.24 20.17 11.04
N PHE A 13 -8.33 20.65 10.20
CA PHE A 13 -7.27 19.81 9.68
C PHE A 13 -6.41 19.28 10.82
N SER A 14 -6.00 20.17 11.73
CA SER A 14 -5.14 19.74 12.84
C SER A 14 -5.88 18.83 13.81
N LYS A 15 -7.15 19.14 14.10
CA LYS A 15 -7.91 18.31 15.03
C LYS A 15 -8.09 16.90 14.48
N HIS A 16 -8.30 16.79 13.16
CA HIS A 16 -8.41 15.46 12.55
C HIS A 16 -7.11 14.69 12.69
N ILE A 17 -5.97 15.38 12.52
CA ILE A 17 -4.66 14.73 12.70
C ILE A 17 -4.48 14.31 14.15
N TYR A 18 -4.86 15.18 15.08
CA TYR A 18 -4.71 14.87 16.50
C TYR A 18 -5.58 13.68 16.91
N ASN A 19 -6.80 13.60 16.36
CA ASN A 19 -7.67 12.48 16.68
C ASN A 19 -7.14 11.17 16.09
N ALA A 20 -6.60 11.23 14.86
CA ALA A 20 -6.00 10.04 14.26
C ALA A 20 -4.77 9.60 15.06
N TYR A 21 -4.08 10.55 15.69
CA TYR A 21 -2.94 10.23 16.53
C TYR A 21 -3.38 9.53 17.81
N LEU A 22 -4.37 10.10 18.51
CA LEU A 22 -4.87 9.49 19.73
C LEU A 22 -5.53 8.15 19.46
N LYS A 23 -6.08 7.96 18.26
CA LYS A 23 -6.80 6.73 17.94
C LYS A 23 -5.85 5.58 17.62
N ASN A 24 -4.68 5.86 17.03
CA ASN A 24 -3.85 4.82 16.47
C ASN A 24 -2.58 4.53 17.27
N PHE A 25 -2.22 5.38 18.23
CA PHE A 25 -1.01 5.15 19.03
C PHE A 25 -1.41 4.86 20.46
N ASN A 26 -1.10 3.64 20.93
CA ASN A 26 -1.50 3.23 22.27
C ASN A 26 -0.76 4.04 23.33
N MET A 27 0.54 4.24 23.16
CA MET A 27 1.36 4.98 24.11
C MET A 27 1.53 6.41 23.61
N THR A 28 0.89 7.36 24.29
CA THR A 28 1.09 8.77 24.02
C THR A 28 2.18 9.32 24.94
N LYS A 29 2.66 10.53 24.61
CA LYS A 29 3.68 11.16 25.46
C LYS A 29 3.09 11.57 26.80
N LYS A 30 1.78 11.85 26.85
CA LYS A 30 1.14 12.17 28.13
C LYS A 30 1.12 10.96 29.05
N LYS A 31 0.62 9.82 28.55
CA LYS A 31 0.65 8.58 29.32
C LYS A 31 2.06 8.23 29.75
N ALA A 32 3.03 8.36 28.83
CA ALA A 32 4.41 7.98 29.12
C ALA A 32 5.01 8.89 30.20
N ARG A 33 4.75 10.19 30.12
CA ARG A 33 5.31 11.12 31.10
C ARG A 33 4.75 10.88 32.48
N SER A 34 3.50 10.44 32.58
CA SER A 34 2.93 10.09 33.89
C SER A 34 3.68 8.92 34.50
N ILE A 35 4.04 7.92 33.68
CA ILE A 35 4.75 6.76 34.17
C ILE A 35 6.17 7.14 34.60
N LEU A 36 6.85 7.93 33.76
CA LEU A 36 8.24 8.28 34.01
C LEU A 36 8.43 9.23 35.19
N THR A 37 7.34 9.80 35.71
CA THR A 37 7.41 10.71 36.85
C THR A 37 6.94 10.08 38.15
N GLY A 38 5.76 9.46 38.16
CA GLY A 38 5.28 8.78 39.34
C GLY A 38 3.84 9.06 39.70
N LYS A 39 2.97 9.18 38.70
CA LYS A 39 1.55 9.41 38.93
C LYS A 39 0.79 8.10 39.12
N ALA A 44 4.48 1.85 38.92
CA ALA A 44 5.92 1.89 38.69
C ALA A 44 6.37 0.74 37.79
N PRO A 45 7.30 1.02 36.88
CA PRO A 45 7.77 0.00 35.95
C PRO A 45 8.94 -0.80 36.49
N PHE A 46 8.99 -2.06 36.10
CA PHE A 46 10.10 -2.92 36.50
C PHE A 46 11.36 -2.51 35.75
N VAL A 47 12.40 -2.18 36.50
CA VAL A 47 13.66 -1.69 35.91
C VAL A 47 14.48 -2.87 35.41
N ILE A 48 14.81 -2.85 34.13
CA ILE A 48 15.69 -3.84 33.52
C ILE A 48 17.07 -3.19 33.37
N HIS A 49 18.06 -3.70 34.11
CA HIS A 49 19.39 -3.12 34.06
C HIS A 49 20.51 -4.15 33.93
N ASP A 50 20.19 -5.45 33.93
CA ASP A 50 21.21 -6.47 33.73
C ASP A 50 20.53 -7.73 33.20
N ILE A 51 21.33 -8.78 33.02
CA ILE A 51 20.82 -10.03 32.45
C ILE A 51 19.73 -10.61 33.34
N GLU A 52 19.92 -10.54 34.66
CA GLU A 52 18.97 -11.16 35.58
C GLU A 52 17.63 -10.45 35.55
N THR A 53 17.63 -9.12 35.57
CA THR A 53 16.38 -8.37 35.49
C THR A 53 15.70 -8.58 34.14
N LEU A 54 16.49 -8.68 33.07
CA LEU A 54 15.91 -8.93 31.75
C LEU A 54 15.24 -10.30 31.70
N TRP A 55 15.91 -11.32 32.24
CA TRP A 55 15.31 -12.66 32.27
C TRP A 55 14.02 -12.66 33.08
N GLN A 56 14.02 -12.01 34.25
CA GLN A 56 12.80 -11.90 35.02
C GLN A 56 11.71 -11.17 34.23
N ALA A 57 12.09 -10.11 33.51
CA ALA A 57 11.13 -9.40 32.68
C ALA A 57 10.54 -10.32 31.61
N GLU A 58 11.39 -11.10 30.95
CA GLU A 58 10.94 -12.06 29.95
C GLU A 58 10.23 -13.26 30.55
N LYS A 59 10.19 -13.39 31.88
CA LYS A 59 9.53 -14.49 32.54
C LYS A 59 8.15 -14.11 33.07
N GLY A 60 7.46 -13.22 32.38
CA GLY A 60 6.13 -12.80 32.76
C GLY A 60 6.06 -11.49 33.52
N LEU A 61 7.18 -11.01 34.07
CA LEU A 61 7.16 -9.71 34.75
C LEU A 61 6.70 -8.61 33.81
N VAL A 62 7.29 -8.55 32.62
CA VAL A 62 6.94 -7.52 31.66
C VAL A 62 6.19 -8.15 30.50
N TRP A 63 6.87 -9.02 29.76
CA TRP A 63 6.23 -9.74 28.67
C TRP A 63 5.61 -11.04 29.16
N LEU A 70 9.69 -14.90 18.24
CA LEU A 70 11.07 -14.44 18.06
C LEU A 70 12.00 -15.60 17.73
N PRO A 71 13.05 -15.31 16.95
CA PRO A 71 14.01 -16.37 16.58
C PRO A 71 14.68 -16.96 17.81
N PRO A 72 15.32 -18.13 17.67
CA PRO A 72 15.91 -18.80 18.83
C PRO A 72 16.95 -17.92 19.52
N TYR A 73 17.07 -18.10 20.83
CA TYR A 73 17.96 -17.26 21.62
C TYR A 73 19.41 -17.51 21.24
N LYS A 74 20.07 -16.47 20.73
CA LYS A 74 21.48 -16.55 20.40
C LYS A 74 22.34 -16.02 21.55
N GLU A 75 22.14 -14.75 21.92
CA GLU A 75 22.90 -14.13 22.99
C GLU A 75 22.14 -12.90 23.47
N ILE A 76 22.69 -12.27 24.51
CA ILE A 76 22.00 -11.17 25.18
C ILE A 76 21.84 -9.98 24.23
N SER A 77 22.90 -9.62 23.51
CA SER A 77 22.85 -8.45 22.64
C SER A 77 21.92 -8.68 21.45
N VAL A 78 21.91 -9.90 20.92
CA VAL A 78 21.04 -10.20 19.78
C VAL A 78 19.58 -10.22 20.21
N HIS A 79 19.31 -10.69 21.43
CA HIS A 79 17.93 -10.73 21.91
C HIS A 79 17.36 -9.32 22.04
N VAL A 80 18.14 -8.38 22.59
CA VAL A 80 17.69 -6.99 22.65
C VAL A 80 17.51 -6.42 21.25
N PHE A 81 18.44 -6.75 20.36
CA PHE A 81 18.33 -6.34 18.95
C PHE A 81 17.04 -6.86 18.33
N TYR A 82 16.67 -8.10 18.66
CA TYR A 82 15.40 -8.65 18.18
C TYR A 82 14.21 -7.89 18.76
N ARG A 83 14.29 -7.50 20.04
CA ARG A 83 13.19 -6.76 20.64
C ARG A 83 13.06 -5.37 20.04
N CYS A 84 14.17 -4.76 19.61
CA CYS A 84 14.10 -3.50 18.89
C CYS A 84 13.36 -3.66 17.57
N GLN A 85 13.63 -4.74 16.84
CA GLN A 85 12.94 -4.99 15.59
C GLN A 85 11.44 -5.16 15.82
N CYS A 86 11.06 -5.86 16.90
CA CYS A 86 9.66 -6.10 17.18
C CYS A 86 8.89 -4.80 17.41
N THR A 87 9.46 -3.88 18.19
CA THR A 87 8.79 -2.60 18.41
C THR A 87 8.66 -1.81 17.11
N THR A 88 9.65 -1.92 16.22
CA THR A 88 9.56 -1.23 14.93
C THR A 88 8.40 -1.77 14.11
N VAL A 89 8.27 -3.10 14.04
CA VAL A 89 7.18 -3.71 13.27
C VAL A 89 5.82 -3.26 13.80
N GLU A 90 5.69 -3.18 15.12
CA GLU A 90 4.41 -2.78 15.70
C GLU A 90 4.14 -1.30 15.45
N THR A 91 5.19 -0.46 15.48
CA THR A 91 4.99 0.96 15.25
C THR A 91 4.72 1.26 13.78
N VAL A 92 5.27 0.45 12.87
CA VAL A 92 4.95 0.59 11.46
C VAL A 92 3.46 0.32 11.23
N ARG A 93 2.93 -0.70 11.91
CA ARG A 93 1.49 -0.97 11.82
C ARG A 93 0.66 0.23 12.27
N GLU A 94 1.07 0.85 13.38
CA GLU A 94 0.33 2.02 13.88
C GLU A 94 0.51 3.21 12.95
N LEU A 95 1.73 3.43 12.46
CA LEU A 95 1.97 4.56 11.56
C LEU A 95 1.19 4.40 10.26
N THR A 96 1.04 3.17 9.78
CA THR A 96 0.27 2.93 8.56
C THR A 96 -1.19 3.31 8.74
N GLU A 97 -1.78 2.95 9.88
CA GLU A 97 -3.17 3.31 10.13
C GLU A 97 -3.31 4.79 10.44
N PHE A 98 -2.33 5.37 11.12
CA PHE A 98 -2.32 6.81 11.35
C PHE A 98 -2.27 7.56 10.03
N ALA A 99 -1.37 7.15 9.13
CA ALA A 99 -1.25 7.82 7.84
C ALA A 99 -2.51 7.65 7.01
N LYS A 100 -3.11 6.45 7.03
CA LYS A 100 -4.33 6.22 6.26
C LYS A 100 -5.50 7.06 6.76
N SER A 101 -5.43 7.57 8.00
CA SER A 101 -6.44 8.47 8.53
C SER A 101 -6.09 9.94 8.30
N ILE A 102 -5.06 10.22 7.51
CA ILE A 102 -4.63 11.59 7.25
C ILE A 102 -5.35 12.10 6.01
N PRO A 103 -5.74 13.38 5.98
CA PRO A 103 -6.48 13.91 4.81
C PRO A 103 -5.69 13.77 3.52
N SER A 104 -6.25 13.01 2.59
CA SER A 104 -5.76 12.80 1.23
C SER A 104 -4.49 11.98 1.16
N PHE A 105 -4.01 11.42 2.27
CA PHE A 105 -3.02 10.36 2.17
C PHE A 105 -3.64 9.13 1.52
N SER A 106 -4.86 8.77 1.94
CA SER A 106 -5.57 7.65 1.34
C SER A 106 -5.95 7.91 -0.11
N SER A 107 -6.06 9.18 -0.52
CA SER A 107 -6.32 9.48 -1.92
C SER A 107 -5.13 9.20 -2.81
N LEU A 108 -3.92 9.12 -2.24
CA LEU A 108 -2.76 8.70 -3.00
C LEU A 108 -2.93 7.26 -3.46
N PHE A 109 -2.32 6.94 -4.60
CA PHE A 109 -2.28 5.55 -5.02
C PHE A 109 -1.46 4.74 -4.02
N LEU A 110 -1.78 3.45 -3.93
CA LEU A 110 -1.21 2.63 -2.86
C LEU A 110 0.30 2.55 -2.93
N ASN A 111 0.87 2.59 -4.15
CA ASN A 111 2.33 2.52 -4.28
C ASN A 111 2.99 3.76 -3.71
N ASP A 112 2.37 4.93 -3.88
CA ASP A 112 2.92 6.15 -3.28
C ASP A 112 2.81 6.12 -1.77
N GLN A 113 1.71 5.56 -1.24
CA GLN A 113 1.58 5.41 0.20
C GLN A 113 2.72 4.56 0.77
N VAL A 114 3.07 3.47 0.09
CA VAL A 114 4.14 2.60 0.56
C VAL A 114 5.48 3.32 0.48
N THR A 115 5.70 4.10 -0.57
CA THR A 115 6.95 4.84 -0.69
C THR A 115 7.13 5.83 0.45
N LEU A 116 6.06 6.54 0.82
CA LEU A 116 6.14 7.49 1.92
C LEU A 116 6.41 6.78 3.24
N LEU A 117 5.73 5.65 3.47
CA LEU A 117 5.99 4.90 4.71
C LEU A 117 7.38 4.30 4.71
N LYS A 118 7.83 3.77 3.57
CA LYS A 118 9.14 3.12 3.51
C LYS A 118 10.25 4.06 3.96
N TYR A 119 10.26 5.28 3.45
CA TYR A 119 11.33 6.23 3.76
C TYR A 119 11.00 7.14 4.93
N GLY A 120 9.84 6.99 5.55
CA GLY A 120 9.44 7.87 6.63
C GLY A 120 9.26 7.23 8.00
N VAL A 121 9.06 5.92 8.05
CA VAL A 121 8.68 5.30 9.32
C VAL A 121 9.77 5.45 10.37
N HIS A 122 11.03 5.30 9.96
CA HIS A 122 12.11 5.35 10.94
C HIS A 122 12.35 6.77 11.44
N GLU A 123 12.20 7.77 10.56
CA GLU A 123 12.22 9.16 11.03
C GLU A 123 11.13 9.39 12.06
N ALA A 124 9.91 8.92 11.76
CA ALA A 124 8.82 9.05 12.72
C ALA A 124 9.08 8.24 13.98
N ILE A 125 9.60 7.02 13.83
CA ILE A 125 9.86 6.16 14.99
C ILE A 125 10.87 6.82 15.93
N PHE A 126 11.96 7.35 15.37
CA PHE A 126 12.99 7.96 16.21
C PHE A 126 12.48 9.24 16.86
N ALA A 127 11.56 9.96 16.22
CA ALA A 127 10.96 11.12 16.86
C ALA A 127 10.05 10.70 18.00
N MET A 128 9.21 9.68 17.77
CA MET A 128 8.29 9.22 18.80
C MET A 128 8.99 8.48 19.93
N LEU A 129 10.19 7.95 19.71
CA LEU A 129 10.94 7.34 20.80
C LEU A 129 11.23 8.35 21.90
N ALA A 130 11.37 9.62 21.55
CA ALA A 130 11.65 10.64 22.54
C ALA A 130 10.55 10.71 23.60
N SER A 131 9.31 10.39 23.23
CA SER A 131 8.19 10.44 24.17
C SER A 131 8.32 9.43 25.30
N ILE A 132 9.04 8.34 25.10
CA ILE A 132 9.16 7.29 26.10
C ILE A 132 10.60 7.14 26.59
N VAL A 133 11.42 8.18 26.42
CA VAL A 133 12.84 8.14 26.71
C VAL A 133 13.19 9.30 27.62
N ASN A 134 14.09 9.06 28.58
CA ASN A 134 14.77 10.12 29.29
C ASN A 134 16.27 9.84 29.26
N LYS A 135 17.05 10.64 29.99
CA LYS A 135 18.49 10.44 30.00
C LYS A 135 18.92 9.16 30.71
N ASP A 136 18.01 8.49 31.42
CA ASP A 136 18.35 7.28 32.17
C ASP A 136 17.92 5.99 31.50
N GLY A 137 16.89 6.02 30.67
CA GLY A 137 16.47 4.78 30.02
C GLY A 137 15.23 4.96 29.17
N LEU A 138 14.50 3.86 29.01
CA LEU A 138 13.45 3.75 28.00
C LEU A 138 12.33 2.85 28.49
N LEU A 139 11.09 3.28 28.31
CA LEU A 139 9.93 2.45 28.64
C LEU A 139 9.75 1.35 27.60
N VAL A 140 9.40 0.15 28.07
CA VAL A 140 9.18 -0.99 27.19
C VAL A 140 7.89 -1.69 27.58
N ALA A 141 7.24 -2.27 26.58
CA ALA A 141 5.99 -3.04 26.73
C ALA A 141 4.95 -2.25 27.52
N ASN A 142 4.38 -1.25 26.84
CA ASN A 142 3.30 -0.43 27.38
C ASN A 142 3.67 0.22 28.72
N GLY A 143 4.96 0.49 28.92
CA GLY A 143 5.42 1.11 30.13
C GLY A 143 5.51 0.21 31.34
N SER A 144 5.18 -1.08 31.21
CA SER A 144 5.32 -2.00 32.34
C SER A 144 6.79 -2.27 32.68
N GLY A 145 7.71 -1.95 31.76
CA GLY A 145 9.12 -2.12 32.01
C GLY A 145 9.89 -0.86 31.69
N PHE A 146 11.16 -0.85 32.10
CA PHE A 146 12.02 0.31 31.89
C PHE A 146 13.45 -0.20 31.81
N VAL A 147 14.02 -0.19 30.61
CA VAL A 147 15.40 -0.63 30.41
C VAL A 147 16.30 0.59 30.50
N THR A 148 17.43 0.43 31.20
CA THR A 148 18.29 1.55 31.50
C THR A 148 19.29 1.81 30.38
N ARG A 149 19.70 3.08 30.28
CA ARG A 149 20.71 3.47 29.29
C ARG A 149 22.04 2.81 29.57
N GLU A 150 22.39 2.66 30.85
CA GLU A 150 23.63 2.01 31.24
C GLU A 150 23.69 0.57 30.74
N PHE A 151 22.58 -0.17 30.93
CA PHE A 151 22.55 -1.56 30.48
C PHE A 151 22.63 -1.65 28.96
N LEU A 152 21.88 -0.80 28.24
CA LEU A 152 21.92 -0.83 26.79
C LEU A 152 23.30 -0.44 26.27
N ARG A 153 24.00 0.44 26.97
CA ARG A 153 25.38 0.76 26.60
C ARG A 153 26.29 -0.45 26.74
N SER A 154 26.03 -1.32 27.72
CA SER A 154 26.90 -2.46 27.99
C SER A 154 26.78 -3.56 26.95
N LEU A 155 25.81 -3.48 26.04
CA LEU A 155 25.63 -4.52 25.04
C LEU A 155 26.83 -4.58 24.10
N ARG A 156 26.97 -5.72 23.43
CA ARG A 156 28.08 -5.96 22.53
C ARG A 156 28.03 -5.00 21.34
N LYS A 157 29.19 -4.81 20.73
CA LYS A 157 29.16 -4.14 19.43
C LYS A 157 28.93 -5.16 18.33
N PRO A 158 28.28 -4.78 17.22
CA PRO A 158 27.84 -3.44 16.82
C PRO A 158 26.45 -3.05 17.34
N PHE A 159 25.86 -3.89 18.18
CA PHE A 159 24.47 -3.66 18.60
C PHE A 159 24.34 -2.46 19.53
N SER A 160 25.41 -2.15 20.28
CA SER A 160 25.38 -0.95 21.10
C SER A 160 25.50 0.32 20.27
N ASP A 161 26.04 0.22 19.05
CA ASP A 161 26.24 1.42 18.23
C ASP A 161 24.91 2.02 17.78
N ILE A 162 23.87 1.20 17.60
CA ILE A 162 22.61 1.70 17.06
C ILE A 162 21.71 2.33 18.11
N ILE A 163 22.03 2.19 19.39
CA ILE A 163 21.13 2.59 20.47
C ILE A 163 21.46 3.99 21.00
N GLU A 164 22.73 4.26 21.28
CA GLU A 164 23.10 5.52 21.93
C GLU A 164 22.76 6.76 21.12
N PRO A 165 22.99 6.84 19.80
CA PRO A 165 22.60 8.05 19.06
C PRO A 165 21.13 8.39 19.18
N LYS A 166 20.26 7.42 19.47
CA LYS A 166 18.84 7.70 19.63
C LYS A 166 18.58 8.40 20.96
N PHE A 167 19.32 8.03 22.00
CA PHE A 167 19.21 8.74 23.28
C PHE A 167 19.67 10.17 23.14
N GLU A 168 20.78 10.40 22.42
CA GLU A 168 21.30 11.75 22.25
C GLU A 168 20.28 12.66 21.57
N PHE A 169 19.69 12.17 20.48
CA PHE A 169 18.65 12.94 19.79
C PHE A 169 17.44 13.16 20.70
N ALA A 170 17.00 12.09 21.37
CA ALA A 170 15.75 12.17 22.13
C ALA A 170 15.85 13.14 23.28
N VAL A 171 17.03 13.23 23.91
CA VAL A 171 17.21 14.15 25.03
C VAL A 171 17.05 15.60 24.55
N LYS A 172 17.76 15.96 23.48
CA LYS A 172 17.65 17.33 22.97
C LYS A 172 16.28 17.59 22.37
N PHE A 173 15.65 16.58 21.76
CA PHE A 173 14.32 16.76 21.21
C PHE A 173 13.28 16.98 22.30
N ASN A 174 13.44 16.30 23.45
CA ASN A 174 12.52 16.48 24.56
C ASN A 174 12.65 17.85 25.20
N ALA A 175 13.79 18.54 25.02
CA ALA A 175 13.95 19.88 25.56
C ALA A 175 12.99 20.87 24.92
N LEU A 176 12.49 20.58 23.71
CA LEU A 176 11.51 21.45 23.07
C LEU A 176 10.14 21.37 23.73
N GLU A 177 9.90 20.33 24.53
CA GLU A 177 8.68 20.20 25.34
C GLU A 177 7.42 20.24 24.49
N LEU A 178 7.42 19.50 23.38
CA LEU A 178 6.22 19.33 22.60
C LEU A 178 5.24 18.42 23.34
N ASP A 179 3.96 18.56 23.03
CA ASP A 179 2.93 17.66 23.53
C ASP A 179 2.36 16.84 22.38
N ASP A 180 1.40 15.98 22.70
CA ASP A 180 0.84 15.07 21.72
C ASP A 180 0.20 15.80 20.55
N SER A 181 -0.44 16.95 20.83
CA SER A 181 -1.06 17.72 19.76
C SER A 181 -0.01 18.24 18.77
N ASP A 182 1.14 18.66 19.29
CA ASP A 182 2.25 19.05 18.42
C ASP A 182 2.75 17.84 17.62
N LEU A 183 3.10 16.75 18.33
CA LEU A 183 3.70 15.60 17.68
C LEU A 183 2.83 15.02 16.58
N ALA A 184 1.50 15.10 16.74
CA ALA A 184 0.60 14.59 15.72
C ALA A 184 0.87 15.24 14.36
N LEU A 185 1.00 16.56 14.35
CA LEU A 185 1.31 17.26 13.10
C LEU A 185 2.76 17.02 12.68
N PHE A 186 3.66 16.92 13.65
CA PHE A 186 5.08 16.74 13.34
C PHE A 186 5.31 15.40 12.64
N ILE A 187 4.67 14.33 13.12
CA ILE A 187 4.85 13.02 12.50
C ILE A 187 4.14 12.97 11.15
N ALA A 188 2.99 13.64 11.04
CA ALA A 188 2.30 13.73 9.76
C ALA A 188 3.19 14.41 8.70
N ALA A 189 3.92 15.45 9.11
CA ALA A 189 4.81 16.14 8.18
C ALA A 189 5.99 15.25 7.78
N ILE A 190 6.46 14.40 8.69
CA ILE A 190 7.55 13.49 8.37
C ILE A 190 7.11 12.50 7.29
N ILE A 191 5.90 11.95 7.43
CA ILE A 191 5.43 10.92 6.52
C ILE A 191 5.18 11.50 5.12
N LEU A 192 4.42 12.59 5.05
CA LEU A 192 4.08 13.18 3.76
C LEU A 192 5.21 14.11 3.31
N CYS A 193 6.29 13.47 2.85
CA CYS A 193 7.51 14.16 2.43
C CYS A 193 7.65 14.07 0.92
N GLY A 194 7.84 15.23 0.28
CA GLY A 194 7.74 15.28 -1.16
C GLY A 194 8.93 14.70 -1.91
N ASP A 195 10.12 14.74 -1.31
CA ASP A 195 11.32 14.27 -2.00
C ASP A 195 11.76 12.89 -1.53
N ARG A 196 10.82 11.96 -1.36
CA ARG A 196 11.23 10.58 -1.15
C ARG A 196 11.57 9.93 -2.49
N PRO A 197 12.59 9.06 -2.53
CA PRO A 197 12.98 8.44 -3.79
C PRO A 197 11.84 7.62 -4.40
N GLY A 198 11.65 7.80 -5.70
CA GLY A 198 10.67 7.01 -6.42
C GLY A 198 9.23 7.42 -6.21
N LEU A 199 8.98 8.62 -5.66
CA LEU A 199 7.62 9.10 -5.52
C LEU A 199 6.99 9.33 -6.88
N MET A 200 5.74 8.92 -7.03
CA MET A 200 5.05 9.01 -8.32
C MET A 200 4.41 10.37 -8.52
N ASN A 201 3.57 10.79 -7.58
CA ASN A 201 2.87 12.06 -7.66
C ASN A 201 3.50 13.05 -6.67
N VAL A 202 4.70 13.53 -7.04
CA VAL A 202 5.39 14.50 -6.18
C VAL A 202 4.58 15.76 -5.95
N PRO A 203 3.94 16.37 -6.95
CA PRO A 203 3.17 17.60 -6.67
C PRO A 203 2.07 17.42 -5.64
N ARG A 204 1.35 16.29 -5.67
CA ARG A 204 0.30 16.06 -4.69
C ARG A 204 0.87 15.96 -3.27
N VAL A 205 1.98 15.22 -3.12
CA VAL A 205 2.56 15.05 -1.79
C VAL A 205 3.09 16.37 -1.26
N GLU A 206 3.79 17.14 -2.10
CA GLU A 206 4.26 18.45 -1.68
C GLU A 206 3.10 19.36 -1.28
N ALA A 207 1.96 19.22 -1.97
CA ALA A 207 0.80 20.02 -1.62
C ALA A 207 0.26 19.64 -0.24
N ILE A 208 0.14 18.34 0.03
CA ILE A 208 -0.33 17.90 1.34
C ILE A 208 0.67 18.29 2.42
N GLN A 209 1.97 18.11 2.14
CA GLN A 209 3.00 18.48 3.11
C GLN A 209 2.92 19.96 3.46
N ASP A 210 2.76 20.82 2.44
CA ASP A 210 2.69 22.25 2.71
C ASP A 210 1.50 22.60 3.59
N THR A 211 0.37 21.89 3.41
CA THR A 211 -0.79 22.13 4.27
C THR A 211 -0.50 21.73 5.71
N ILE A 212 0.17 20.59 5.91
CA ILE A 212 0.49 20.14 7.27
C ILE A 212 1.44 21.12 7.94
N LEU A 213 2.45 21.60 7.20
CA LEU A 213 3.40 22.54 7.78
C LEU A 213 2.73 23.85 8.16
N ARG A 214 1.84 24.36 7.31
CA ARG A 214 1.05 25.54 7.66
C ARG A 214 0.24 25.29 8.91
N ALA A 215 -0.43 24.13 8.98
CA ALA A 215 -1.19 23.77 10.17
C ALA A 215 -0.27 23.69 11.39
N LEU A 216 0.93 23.13 11.21
CA LEU A 216 1.86 23.00 12.34
C LEU A 216 2.28 24.37 12.85
N GLU A 217 2.67 25.28 11.96
CA GLU A 217 3.02 26.62 12.39
C GLU A 217 1.84 27.32 13.05
N PHE A 218 0.66 27.19 12.46
CA PHE A 218 -0.55 27.75 13.05
C PHE A 218 -0.81 27.17 14.43
N HIS A 219 -0.63 25.86 14.58
CA HIS A 219 -0.88 25.21 15.86
C HIS A 219 0.14 25.64 16.92
N LEU A 220 1.41 25.78 16.53
CA LEU A 220 2.44 26.17 17.48
C LEU A 220 2.24 27.59 18.00
N GLN A 221 1.61 28.46 17.20
CA GLN A 221 1.34 29.82 17.65
C GLN A 221 0.38 29.82 18.85
N ALA A 222 -0.69 29.02 18.76
CA ALA A 222 -1.66 28.97 19.84
C ALA A 222 -1.17 28.12 21.00
N ASN A 223 -0.45 27.04 20.73
CA ASN A 223 -0.07 26.11 21.78
C ASN A 223 1.18 26.56 22.53
N HIS A 224 2.12 27.22 21.85
CA HIS A 224 3.36 27.69 22.45
C HIS A 224 3.57 29.17 22.10
N PRO A 225 2.72 30.06 22.59
CA PRO A 225 2.87 31.48 22.20
C PRO A 225 4.16 32.11 22.68
N ASP A 226 4.75 31.61 23.75
CA ASP A 226 6.00 32.14 24.28
C ASP A 226 7.24 31.45 23.73
N ALA A 227 7.07 30.44 22.88
CA ALA A 227 8.22 29.71 22.35
C ALA A 227 8.89 30.52 21.24
N GLN A 228 10.21 30.65 21.34
CA GLN A 228 11.00 31.43 20.40
C GLN A 228 11.57 30.51 19.33
N TYR A 229 11.25 30.81 18.07
CA TYR A 229 11.79 30.10 16.91
C TYR A 229 11.44 28.61 16.92
N LEU A 230 10.28 28.26 17.47
CA LEU A 230 9.94 26.84 17.63
C LEU A 230 9.72 26.16 16.30
N PHE A 231 8.97 26.79 15.39
CA PHE A 231 8.70 26.17 14.09
C PHE A 231 9.97 25.93 13.29
N PRO A 232 10.88 26.90 13.10
CA PRO A 232 12.14 26.57 12.42
C PRO A 232 13.02 25.61 13.21
N LYS A 233 12.88 25.56 14.54
CA LYS A 233 13.57 24.53 15.31
C LYS A 233 13.08 23.13 14.94
N LEU A 234 11.77 22.98 14.75
CA LEU A 234 11.22 21.69 14.38
C LEU A 234 11.60 21.31 12.96
N LEU A 235 11.64 22.30 12.05
CA LEU A 235 12.11 22.03 10.70
C LEU A 235 13.55 21.52 10.73
N GLN A 236 14.38 22.09 11.61
CA GLN A 236 15.75 21.59 11.74
C GLN A 236 15.76 20.19 12.32
N LYS A 237 14.85 19.89 13.25
CA LYS A 237 14.75 18.54 13.79
C LYS A 237 14.42 17.53 12.69
N MET A 238 13.57 17.93 11.73
CA MET A 238 13.25 17.04 10.62
C MET A 238 14.48 16.76 9.76
N ALA A 239 15.34 17.76 9.59
CA ALA A 239 16.60 17.51 8.88
C ALA A 239 17.53 16.63 9.71
N ASP A 240 17.55 16.84 11.03
CA ASP A 240 18.35 15.99 11.91
C ASP A 240 17.89 14.54 11.84
N LEU A 241 16.57 14.32 11.80
CA LEU A 241 16.04 12.97 11.76
C LEU A 241 16.44 12.24 10.49
N ARG A 242 16.50 12.96 9.37
CA ARG A 242 16.92 12.32 8.12
C ARG A 242 18.39 11.91 8.17
N GLN A 243 19.23 12.71 8.84
CA GLN A 243 20.63 12.34 9.01
C GLN A 243 20.77 11.18 9.98
N LEU A 244 19.98 11.19 11.05
CA LEU A 244 19.99 10.08 12.01
C LEU A 244 19.64 8.77 11.33
N VAL A 245 18.66 8.79 10.42
CA VAL A 245 18.20 7.57 9.77
C VAL A 245 19.24 7.08 8.76
N THR A 246 19.87 8.00 8.04
CA THR A 246 20.93 7.61 7.11
C THR A 246 22.05 6.89 7.84
N GLU A 247 22.50 7.43 8.97
CA GLU A 247 23.54 6.78 9.75
C GLU A 247 23.06 5.46 10.33
N HIS A 248 21.82 5.42 10.82
CA HIS A 248 21.28 4.17 11.35
C HIS A 248 21.19 3.11 10.26
N ALA A 249 20.78 3.49 9.05
CA ALA A 249 20.67 2.52 7.97
C ALA A 249 22.02 1.93 7.60
N GLN A 250 23.08 2.74 7.70
CA GLN A 250 24.42 2.23 7.41
C GLN A 250 24.90 1.27 8.50
N MET A 251 24.58 1.58 9.76
CA MET A 251 24.89 0.65 10.84
C MET A 251 24.15 -0.67 10.65
N MET A 252 22.86 -0.60 10.29
CA MET A 252 22.08 -1.81 10.09
C MET A 252 22.61 -2.64 8.93
N GLN A 253 23.15 -2.00 7.90
CA GLN A 253 23.70 -2.73 6.77
C GLN A 253 25.02 -3.40 7.12
N ARG A 254 25.78 -2.83 8.06
CA ARG A 254 27.01 -3.47 8.50
C ARG A 254 26.73 -4.64 9.45
N ILE A 255 25.71 -4.50 10.30
CA ILE A 255 25.25 -5.64 11.10
C ILE A 255 24.82 -6.78 10.19
N LYS A 256 24.12 -6.46 9.11
CA LYS A 256 23.73 -7.47 8.13
C LYS A 256 24.96 -8.13 7.50
N LYS A 257 26.05 -7.39 7.35
CA LYS A 257 27.27 -7.95 6.76
C LYS A 257 28.07 -8.74 7.78
N THR A 258 28.24 -8.21 9.00
CA THR A 258 29.15 -8.78 9.97
C THR A 258 28.50 -9.77 10.94
N GLU A 259 27.20 -9.66 11.16
CA GLU A 259 26.48 -10.56 12.06
C GLU A 259 25.61 -11.50 11.23
N THR A 260 26.26 -12.39 10.49
CA THR A 260 25.57 -13.24 9.54
C THR A 260 24.60 -14.22 10.21
N GLU A 261 24.80 -14.51 11.49
CA GLU A 261 23.89 -15.39 12.22
C GLU A 261 22.72 -14.65 12.86
N THR A 262 22.67 -13.33 12.72
CA THR A 262 21.60 -12.52 13.30
C THR A 262 20.52 -12.28 12.25
N SER A 263 19.27 -12.53 12.64
CA SER A 263 18.16 -12.43 11.71
C SER A 263 17.70 -10.99 11.56
N LEU A 264 17.09 -10.70 10.41
CA LEU A 264 16.47 -9.40 10.14
C LEU A 264 15.04 -9.66 9.70
N HIS A 265 14.09 -9.05 10.39
CA HIS A 265 12.68 -9.22 10.06
C HIS A 265 12.45 -8.87 8.59
N PRO A 266 11.62 -9.64 7.87
CA PRO A 266 11.42 -9.35 6.44
C PRO A 266 10.93 -7.94 6.15
N LEU A 267 10.08 -7.39 7.01
CA LEU A 267 9.61 -6.02 6.81
C LEU A 267 10.76 -5.02 6.85
N LEU A 268 11.68 -5.19 7.81
CA LEU A 268 12.85 -4.32 7.88
C LEU A 268 13.79 -4.55 6.70
N GLN A 269 13.79 -5.77 6.15
CA GLN A 269 14.66 -6.05 5.01
C GLN A 269 14.19 -5.28 3.78
N GLU A 270 12.88 -5.16 3.60
CA GLU A 270 12.36 -4.40 2.46
C GLU A 270 12.61 -2.90 2.62
N ILE A 271 12.66 -2.41 3.87
CA ILE A 271 12.84 -0.99 4.10
C ILE A 271 14.27 -0.56 3.79
N TYR A 272 15.25 -1.32 4.29
CA TYR A 272 16.66 -0.95 4.18
C TYR A 272 17.29 -1.40 2.86
N LYS A 273 16.51 -1.92 1.92
CA LYS A 273 17.08 -2.59 0.76
C LYS A 273 17.95 -1.65 -0.08
N ASP A 274 17.44 -0.45 -0.37
CA ASP A 274 18.09 0.45 -1.31
C ASP A 274 18.63 1.73 -0.66
N MET A 275 18.70 1.78 0.66
CA MET A 275 19.18 2.99 1.34
C MET A 275 20.71 3.02 1.35
N TYR A 276 21.26 4.21 1.12
CA TYR A 276 22.71 4.40 1.20
C TYR A 276 23.06 5.72 1.87
N VAL B 7 -17.39 -25.25 5.51
CA VAL B 7 -18.55 -25.23 4.61
C VAL B 7 -19.45 -24.04 4.95
N ALA B 8 -19.76 -23.89 6.23
CA ALA B 8 -20.62 -22.78 6.64
C ALA B 8 -19.89 -21.45 6.57
N ASP B 9 -18.58 -21.44 6.86
CA ASP B 9 -17.80 -20.21 6.76
C ASP B 9 -17.57 -19.82 5.30
N LEU B 10 -17.60 -20.79 4.38
CA LEU B 10 -17.32 -20.52 2.99
C LEU B 10 -18.45 -19.73 2.33
N LYS B 11 -19.70 -20.06 2.66
CA LYS B 11 -20.82 -19.33 2.07
C LYS B 11 -20.81 -17.87 2.51
N ALA B 12 -20.49 -17.61 3.78
CA ALA B 12 -20.39 -16.23 4.25
C ALA B 12 -19.15 -15.54 3.68
N PHE B 13 -18.03 -16.26 3.60
CA PHE B 13 -16.83 -15.71 2.98
C PHE B 13 -17.09 -15.29 1.54
N SER B 14 -17.83 -16.12 0.80
CA SER B 14 -18.15 -15.78 -0.58
C SER B 14 -19.06 -14.56 -0.66
N LYS B 15 -20.05 -14.48 0.24
CA LYS B 15 -20.98 -13.36 0.22
C LYS B 15 -20.27 -12.05 0.54
N HIS B 16 -19.31 -12.07 1.47
CA HIS B 16 -18.56 -10.86 1.79
C HIS B 16 -17.77 -10.38 0.57
N ILE B 17 -17.20 -11.31 -0.20
CA ILE B 17 -16.43 -10.93 -1.39
C ILE B 17 -17.36 -10.40 -2.47
N TYR B 18 -18.53 -11.02 -2.63
CA TYR B 18 -19.50 -10.53 -3.60
C TYR B 18 -19.97 -9.12 -3.26
N ASN B 19 -20.20 -8.83 -1.98
CA ASN B 19 -20.62 -7.50 -1.58
C ASN B 19 -19.52 -6.47 -1.84
N ALA B 20 -18.26 -6.85 -1.63
CA ALA B 20 -17.15 -5.96 -2.00
C ALA B 20 -17.11 -5.73 -3.50
N TYR B 21 -17.50 -6.74 -4.28
CA TYR B 21 -17.58 -6.60 -5.73
C TYR B 21 -18.65 -5.59 -6.12
N LEU B 22 -19.87 -5.76 -5.59
CA LEU B 22 -20.99 -4.88 -5.93
C LEU B 22 -20.75 -3.46 -5.43
N LYS B 23 -19.94 -3.29 -4.39
CA LYS B 23 -19.75 -1.98 -3.78
C LYS B 23 -18.71 -1.15 -4.51
N ASN B 24 -17.75 -1.78 -5.20
CA ASN B 24 -16.56 -1.09 -5.66
C ASN B 24 -16.41 -0.99 -7.17
N PHE B 25 -17.14 -1.77 -7.95
CA PHE B 25 -16.98 -1.76 -9.41
C PHE B 25 -18.10 -0.97 -10.07
N ASN B 26 -17.71 -0.06 -10.96
CA ASN B 26 -18.67 0.81 -11.63
C ASN B 26 -19.62 0.02 -12.53
N MET B 27 -19.11 -0.99 -13.22
CA MET B 27 -19.88 -1.77 -14.18
C MET B 27 -19.86 -3.23 -13.78
N THR B 28 -21.04 -3.83 -13.70
CA THR B 28 -21.16 -5.27 -13.48
C THR B 28 -21.50 -5.96 -14.80
N LYS B 29 -21.27 -7.27 -14.84
CA LYS B 29 -21.62 -8.04 -16.03
C LYS B 29 -23.13 -8.09 -16.25
N LYS B 30 -23.91 -8.07 -15.16
CA LYS B 30 -25.36 -8.03 -15.28
C LYS B 30 -25.81 -6.75 -15.96
N LYS B 31 -25.31 -5.61 -15.49
CA LYS B 31 -25.66 -4.34 -16.14
C LYS B 31 -25.13 -4.27 -17.56
N ALA B 32 -23.92 -4.78 -17.79
CA ALA B 32 -23.32 -4.72 -19.11
C ALA B 32 -24.08 -5.58 -20.11
N ARG B 33 -24.43 -6.80 -19.72
CA ARG B 33 -25.10 -7.70 -20.66
C ARG B 33 -26.52 -7.25 -20.96
N SER B 34 -27.17 -6.53 -20.04
CA SER B 34 -28.48 -5.98 -20.34
C SER B 34 -28.39 -4.80 -21.30
N ILE B 35 -27.31 -4.02 -21.22
CA ILE B 35 -27.09 -2.95 -22.20
C ILE B 35 -26.85 -3.56 -23.59
N LEU B 36 -26.03 -4.61 -23.66
CA LEU B 36 -25.70 -5.25 -24.92
C LEU B 36 -26.83 -6.08 -25.51
N THR B 37 -28.01 -6.11 -24.88
CA THR B 37 -29.13 -6.84 -25.42
C THR B 37 -30.39 -5.99 -25.54
N GLY B 38 -30.37 -4.73 -25.10
CA GLY B 38 -31.52 -3.86 -25.21
C GLY B 38 -32.64 -4.18 -24.24
N ALA B 44 -29.96 3.50 -25.84
CA ALA B 44 -29.01 2.64 -26.53
C ALA B 44 -27.65 3.33 -26.67
N PRO B 45 -26.57 2.57 -26.57
CA PRO B 45 -25.23 3.16 -26.64
C PRO B 45 -24.92 3.71 -28.02
N PHE B 46 -24.23 4.85 -28.04
CA PHE B 46 -23.77 5.44 -29.29
C PHE B 46 -22.61 4.61 -29.85
N VAL B 47 -22.75 4.17 -31.10
CA VAL B 47 -21.79 3.26 -31.71
C VAL B 47 -20.65 4.06 -32.31
N ILE B 48 -19.42 3.72 -31.92
CA ILE B 48 -18.21 4.33 -32.46
C ILE B 48 -17.60 3.33 -33.43
N HIS B 49 -17.58 3.67 -34.72
CA HIS B 49 -17.07 2.77 -35.74
C HIS B 49 -16.12 3.43 -36.73
N ASP B 50 -15.87 4.74 -36.61
CA ASP B 50 -14.92 5.42 -37.47
C ASP B 50 -14.52 6.73 -36.80
N ILE B 51 -13.68 7.50 -37.49
CA ILE B 51 -13.14 8.74 -36.94
C ILE B 51 -14.27 9.71 -36.58
N GLU B 52 -15.25 9.85 -37.48
CA GLU B 52 -16.30 10.84 -37.29
C GLU B 52 -17.15 10.52 -36.07
N THR B 53 -17.50 9.24 -35.87
CA THR B 53 -18.27 8.86 -34.70
C THR B 53 -17.46 9.02 -33.42
N LEU B 54 -16.15 8.73 -33.48
CA LEU B 54 -15.30 8.91 -32.32
C LEU B 54 -15.23 10.37 -31.91
N TRP B 55 -15.07 11.27 -32.89
CA TRP B 55 -15.10 12.71 -32.59
C TRP B 55 -16.45 13.11 -32.02
N GLN B 56 -17.54 12.59 -32.60
CA GLN B 56 -18.87 12.82 -32.06
C GLN B 56 -18.96 12.39 -30.60
N ALA B 57 -18.40 11.22 -30.29
CA ALA B 57 -18.46 10.70 -28.92
C ALA B 57 -17.71 11.61 -27.96
N GLU B 58 -16.56 12.15 -28.38
CA GLU B 58 -15.79 13.01 -27.50
C GLU B 58 -16.46 14.37 -27.30
N LYS B 59 -17.17 14.87 -28.31
CA LYS B 59 -17.76 16.20 -28.23
C LYS B 59 -18.91 16.29 -27.23
N GLY B 60 -19.34 15.18 -26.64
CA GLY B 60 -20.38 15.23 -25.62
C GLY B 60 -21.34 14.07 -25.67
N LEU B 61 -21.48 13.44 -26.84
CA LEU B 61 -22.42 12.33 -26.98
C LEU B 61 -22.06 11.15 -26.10
N VAL B 62 -20.82 11.07 -25.61
CA VAL B 62 -20.37 9.94 -24.81
C VAL B 62 -19.53 10.42 -23.64
N TRP B 63 -18.55 11.27 -23.91
CA TRP B 63 -17.70 11.82 -22.86
C TRP B 63 -18.00 13.30 -22.63
N LEU B 70 -6.37 14.06 -20.12
CA LEU B 70 -5.71 13.38 -21.24
C LEU B 70 -4.49 14.15 -21.74
N PRO B 71 -3.45 13.44 -22.15
CA PRO B 71 -2.26 14.07 -22.73
C PRO B 71 -2.61 14.77 -24.04
N PRO B 72 -1.73 15.65 -24.54
CA PRO B 72 -2.06 16.40 -25.76
C PRO B 72 -2.24 15.48 -26.95
N TYR B 73 -3.18 15.85 -27.83
CA TYR B 73 -3.53 15.02 -28.97
C TYR B 73 -2.34 14.79 -29.88
N LYS B 74 -2.33 13.63 -30.54
CA LYS B 74 -1.26 13.28 -31.46
C LYS B 74 -1.84 12.68 -32.75
N GLU B 75 -2.58 11.60 -32.62
CA GLU B 75 -3.25 10.94 -33.74
C GLU B 75 -4.34 10.04 -33.17
N ILE B 76 -5.08 9.39 -34.06
CA ILE B 76 -6.27 8.67 -33.62
C ILE B 76 -5.89 7.38 -32.89
N SER B 77 -4.86 6.67 -33.38
CA SER B 77 -4.48 5.42 -32.74
C SER B 77 -3.88 5.67 -31.36
N VAL B 78 -3.13 6.77 -31.21
CA VAL B 78 -2.60 7.13 -29.90
C VAL B 78 -3.71 7.61 -28.98
N HIS B 79 -4.74 8.27 -29.52
CA HIS B 79 -5.83 8.74 -28.69
C HIS B 79 -6.60 7.57 -28.08
N VAL B 80 -6.86 6.53 -28.87
CA VAL B 80 -7.48 5.33 -28.33
C VAL B 80 -6.58 4.66 -27.31
N PHE B 81 -5.28 4.63 -27.59
CA PHE B 81 -4.32 4.08 -26.64
C PHE B 81 -4.37 4.82 -25.31
N TYR B 82 -4.50 6.16 -25.36
CA TYR B 82 -4.62 6.94 -24.14
C TYR B 82 -5.91 6.60 -23.39
N ARG B 83 -7.01 6.40 -24.10
CA ARG B 83 -8.25 6.01 -23.45
C ARG B 83 -8.17 4.61 -22.86
N CYS B 84 -7.37 3.73 -23.47
CA CYS B 84 -7.11 2.43 -22.85
C CYS B 84 -6.38 2.60 -21.52
N GLN B 85 -5.39 3.50 -21.48
CA GLN B 85 -4.68 3.75 -20.23
C GLN B 85 -5.61 4.32 -19.16
N CYS B 86 -6.54 5.18 -19.57
CA CYS B 86 -7.45 5.80 -18.60
C CYS B 86 -8.33 4.75 -17.92
N THR B 87 -8.88 3.83 -18.70
CA THR B 87 -9.74 2.80 -18.10
C THR B 87 -8.95 1.89 -17.18
N THR B 88 -7.65 1.66 -17.47
CA THR B 88 -6.82 0.86 -16.58
C THR B 88 -6.60 1.59 -15.26
N VAL B 89 -6.29 2.89 -15.32
CA VAL B 89 -6.07 3.67 -14.10
C VAL B 89 -7.31 3.65 -13.22
N GLU B 90 -8.49 3.82 -13.82
CA GLU B 90 -9.71 3.81 -13.03
C GLU B 90 -10.03 2.42 -12.49
N THR B 91 -9.71 1.37 -13.24
CA THR B 91 -9.98 0.02 -12.76
C THR B 91 -9.01 -0.40 -11.66
N VAL B 92 -7.76 0.08 -11.73
CA VAL B 92 -6.82 -0.15 -10.63
C VAL B 92 -7.35 0.48 -9.34
N ARG B 93 -7.94 1.67 -9.44
CA ARG B 93 -8.55 2.30 -8.28
C ARG B 93 -9.64 1.42 -7.69
N GLU B 94 -10.50 0.86 -8.54
CA GLU B 94 -11.59 0.03 -8.04
C GLU B 94 -11.07 -1.30 -7.53
N LEU B 95 -10.07 -1.88 -8.20
CA LEU B 95 -9.50 -3.15 -7.74
C LEU B 95 -8.80 -2.99 -6.40
N THR B 96 -8.18 -1.83 -6.16
CA THR B 96 -7.54 -1.58 -4.87
C THR B 96 -8.57 -1.51 -3.75
N GLU B 97 -9.71 -0.86 -4.01
CA GLU B 97 -10.76 -0.81 -2.99
C GLU B 97 -11.43 -2.17 -2.83
N PHE B 98 -11.59 -2.91 -3.92
CA PHE B 98 -12.13 -4.26 -3.82
C PHE B 98 -11.23 -5.14 -2.96
N ALA B 99 -9.94 -5.15 -3.26
CA ALA B 99 -9.00 -5.98 -2.49
C ALA B 99 -8.98 -5.58 -1.02
N LYS B 100 -9.04 -4.27 -0.74
CA LYS B 100 -9.00 -3.82 0.65
C LYS B 100 -10.23 -4.24 1.44
N SER B 101 -11.32 -4.60 0.77
CA SER B 101 -12.51 -5.12 1.44
C SER B 101 -12.49 -6.64 1.60
N ILE B 102 -11.45 -7.30 1.11
CA ILE B 102 -11.35 -8.76 1.15
C ILE B 102 -10.82 -9.19 2.52
N PRO B 103 -11.31 -10.29 3.10
CA PRO B 103 -10.81 -10.74 4.40
C PRO B 103 -9.33 -11.07 4.36
N SER B 104 -8.57 -10.42 5.24
CA SER B 104 -7.15 -10.63 5.49
C SER B 104 -6.24 -10.08 4.40
N PHE B 105 -6.78 -9.47 3.34
CA PHE B 105 -5.93 -8.70 2.44
C PHE B 105 -5.42 -7.46 3.14
N SER B 106 -6.32 -6.73 3.82
CA SER B 106 -5.92 -5.54 4.56
C SER B 106 -5.03 -5.86 5.75
N SER B 107 -5.00 -7.12 6.20
CA SER B 107 -4.12 -7.51 7.28
C SER B 107 -2.68 -7.68 6.84
N LEU B 108 -2.44 -7.88 5.54
CA LEU B 108 -1.08 -7.87 5.03
C LEU B 108 -0.48 -6.48 5.15
N PHE B 109 0.84 -6.43 5.31
CA PHE B 109 1.51 -5.13 5.31
C PHE B 109 1.29 -4.44 3.97
N LEU B 110 1.31 -3.10 3.99
CA LEU B 110 0.93 -2.33 2.81
C LEU B 110 1.81 -2.67 1.61
N ASN B 111 3.09 -2.99 1.83
CA ASN B 111 3.96 -3.30 0.71
C ASN B 111 3.59 -4.63 0.04
N ASP B 112 3.10 -5.60 0.83
CA ASP B 112 2.61 -6.83 0.23
C ASP B 112 1.33 -6.58 -0.57
N GLN B 113 0.47 -5.67 -0.09
CA GLN B 113 -0.74 -5.33 -0.83
C GLN B 113 -0.40 -4.74 -2.20
N VAL B 114 0.61 -3.86 -2.24
CA VAL B 114 0.99 -3.24 -3.51
C VAL B 114 1.59 -4.27 -4.46
N THR B 115 2.37 -5.21 -3.93
CA THR B 115 2.94 -6.26 -4.78
C THR B 115 1.86 -7.12 -5.41
N LEU B 116 0.86 -7.53 -4.61
CA LEU B 116 -0.25 -8.32 -5.16
C LEU B 116 -0.99 -7.53 -6.24
N LEU B 117 -1.25 -6.25 -5.99
CA LEU B 117 -1.96 -5.44 -6.98
C LEU B 117 -1.11 -5.19 -8.21
N LYS B 118 0.18 -4.91 -8.02
CA LYS B 118 1.06 -4.61 -9.14
C LYS B 118 1.04 -5.72 -10.19
N TYR B 119 1.17 -6.96 -9.74
CA TYR B 119 1.25 -8.10 -10.65
C TYR B 119 -0.09 -8.75 -10.91
N GLY B 120 -1.16 -8.28 -10.28
CA GLY B 120 -2.46 -8.89 -10.45
C GLY B 120 -3.49 -8.09 -11.23
N VAL B 121 -3.35 -6.76 -11.26
CA VAL B 121 -4.44 -5.92 -11.79
C VAL B 121 -4.69 -6.21 -13.26
N HIS B 122 -3.64 -6.47 -14.04
CA HIS B 122 -3.86 -6.68 -15.47
C HIS B 122 -4.50 -8.02 -15.75
N GLU B 123 -4.14 -9.07 -15.00
CA GLU B 123 -4.87 -10.33 -15.09
C GLU B 123 -6.35 -10.12 -14.78
N ALA B 124 -6.64 -9.37 -13.72
CA ALA B 124 -8.03 -9.12 -13.33
C ALA B 124 -8.73 -8.22 -14.34
N ILE B 125 -8.03 -7.22 -14.87
CA ILE B 125 -8.64 -6.29 -15.82
C ILE B 125 -9.07 -7.04 -17.08
N PHE B 126 -8.21 -7.89 -17.61
CA PHE B 126 -8.55 -8.61 -18.84
C PHE B 126 -9.66 -9.63 -18.60
N ALA B 127 -9.76 -10.16 -17.38
CA ALA B 127 -10.89 -11.03 -17.07
C ALA B 127 -12.19 -10.23 -17.00
N MET B 128 -12.16 -9.08 -16.32
CA MET B 128 -13.34 -8.24 -16.22
C MET B 128 -13.70 -7.55 -17.52
N LEU B 129 -12.74 -7.41 -18.44
CA LEU B 129 -13.05 -6.84 -19.75
C LEU B 129 -14.08 -7.69 -20.49
N ALA B 130 -14.05 -9.01 -20.29
CA ALA B 130 -14.99 -9.90 -20.97
C ALA B 130 -16.44 -9.51 -20.68
N SER B 131 -16.69 -8.95 -19.49
CA SER B 131 -18.07 -8.63 -19.10
C SER B 131 -18.66 -7.54 -19.99
N ILE B 132 -17.85 -6.68 -20.57
CA ILE B 132 -18.33 -5.56 -21.37
C ILE B 132 -17.98 -5.74 -22.85
N VAL B 133 -17.63 -6.96 -23.26
CA VAL B 133 -17.21 -7.27 -24.61
C VAL B 133 -18.13 -8.33 -25.19
N ASN B 134 -18.47 -8.17 -26.48
CA ASN B 134 -18.95 -9.30 -27.27
C ASN B 134 -18.10 -9.41 -28.52
N LYS B 135 -18.45 -10.31 -29.43
CA LYS B 135 -17.63 -10.52 -30.62
C LYS B 135 -17.64 -9.31 -31.56
N ASP B 136 -18.54 -8.36 -31.37
CA ASP B 136 -18.63 -7.21 -32.26
C ASP B 136 -17.95 -5.96 -31.74
N GLY B 137 -17.75 -5.85 -30.41
CA GLY B 137 -17.13 -4.65 -29.89
C GLY B 137 -17.17 -4.58 -28.38
N LEU B 138 -17.13 -3.36 -27.86
CA LEU B 138 -16.80 -3.13 -26.46
C LEU B 138 -17.54 -1.90 -25.95
N LEU B 139 -18.18 -2.03 -24.79
CA LEU B 139 -18.81 -0.90 -24.14
C LEU B 139 -17.75 0.07 -23.59
N VAL B 140 -18.03 1.36 -23.70
CA VAL B 140 -17.15 2.40 -23.18
C VAL B 140 -17.98 3.46 -22.47
N ALA B 141 -17.32 4.20 -21.59
CA ALA B 141 -17.90 5.31 -20.84
C ALA B 141 -19.22 4.91 -20.18
N ASN B 142 -19.08 4.02 -19.20
CA ASN B 142 -20.20 3.59 -18.34
C ASN B 142 -21.34 2.98 -19.15
N GLY B 143 -21.04 2.45 -20.34
CA GLY B 143 -22.03 1.83 -21.18
C GLY B 143 -22.77 2.76 -22.12
N SER B 144 -22.46 4.05 -22.11
CA SER B 144 -23.10 5.00 -23.01
C SER B 144 -22.51 4.95 -24.42
N GLY B 145 -21.37 4.28 -24.61
CA GLY B 145 -20.78 4.13 -25.91
C GLY B 145 -20.46 2.68 -26.20
N PHE B 146 -20.35 2.38 -27.49
CA PHE B 146 -19.99 1.04 -27.95
C PHE B 146 -19.02 1.20 -29.11
N VAL B 147 -17.78 0.78 -28.93
CA VAL B 147 -16.76 0.88 -29.97
C VAL B 147 -16.63 -0.47 -30.64
N THR B 148 -16.70 -0.49 -31.97
CA THR B 148 -16.75 -1.74 -32.70
C THR B 148 -15.36 -2.39 -32.77
N ARG B 149 -15.38 -3.71 -32.87
CA ARG B 149 -14.14 -4.47 -33.01
C ARG B 149 -13.43 -4.14 -34.31
N GLU B 150 -14.20 -3.93 -35.38
CA GLU B 150 -13.60 -3.63 -36.68
C GLU B 150 -12.88 -2.29 -36.66
N PHE B 151 -13.46 -1.29 -36.00
CA PHE B 151 -12.79 0.00 -35.88
C PHE B 151 -11.49 -0.12 -35.10
N LEU B 152 -11.52 -0.83 -33.96
CA LEU B 152 -10.30 -1.02 -33.19
C LEU B 152 -9.25 -1.77 -33.99
N ARG B 153 -9.68 -2.72 -34.83
CA ARG B 153 -8.75 -3.46 -35.68
C ARG B 153 -8.10 -2.56 -36.72
N SER B 154 -8.78 -1.49 -37.15
CA SER B 154 -8.28 -0.61 -38.19
C SER B 154 -7.24 0.37 -37.69
N LEU B 155 -6.91 0.34 -36.39
CA LEU B 155 -5.93 1.27 -35.86
C LEU B 155 -4.53 0.89 -36.32
N ARG B 156 -3.60 1.83 -36.14
CA ARG B 156 -2.23 1.64 -36.59
C ARG B 156 -1.50 0.69 -35.66
N LYS B 157 -0.68 -0.19 -36.24
CA LYS B 157 0.27 -0.94 -35.44
C LYS B 157 1.29 0.02 -34.82
N PRO B 158 1.79 -0.28 -33.63
CA PRO B 158 1.57 -1.47 -32.81
C PRO B 158 0.34 -1.39 -31.91
N PHE B 159 -0.49 -0.37 -32.08
CA PHE B 159 -1.59 -0.15 -31.14
C PHE B 159 -2.74 -1.13 -31.37
N SER B 160 -2.99 -1.52 -32.63
CA SER B 160 -4.01 -2.54 -32.88
C SER B 160 -3.55 -3.92 -32.43
N ASP B 161 -2.25 -4.11 -32.21
CA ASP B 161 -1.75 -5.42 -31.78
C ASP B 161 -2.25 -5.78 -30.39
N ILE B 162 -2.36 -4.80 -29.50
CA ILE B 162 -2.75 -5.10 -28.11
C ILE B 162 -4.24 -5.32 -27.95
N ILE B 163 -5.06 -4.98 -28.94
CA ILE B 163 -6.51 -5.02 -28.79
C ILE B 163 -7.07 -6.40 -29.10
N GLU B 164 -6.69 -6.96 -30.24
CA GLU B 164 -7.36 -8.16 -30.75
C GLU B 164 -7.25 -9.38 -29.83
N PRO B 165 -6.11 -9.69 -29.20
CA PRO B 165 -6.08 -10.87 -28.33
C PRO B 165 -7.03 -10.78 -27.14
N LYS B 166 -7.40 -9.57 -26.72
CA LYS B 166 -8.33 -9.42 -25.61
C LYS B 166 -9.75 -9.82 -26.03
N PHE B 167 -10.16 -9.42 -27.24
CA PHE B 167 -11.41 -9.92 -27.79
C PHE B 167 -11.40 -11.44 -27.87
N GLU B 168 -10.30 -12.01 -28.37
CA GLU B 168 -10.21 -13.46 -28.53
C GLU B 168 -10.33 -14.17 -27.20
N PHE B 169 -9.65 -13.67 -26.17
CA PHE B 169 -9.80 -14.25 -24.84
C PHE B 169 -11.23 -14.08 -24.33
N ALA B 170 -11.80 -12.89 -24.52
CA ALA B 170 -13.09 -12.56 -23.90
C ALA B 170 -14.21 -13.45 -24.44
N VAL B 171 -14.26 -13.65 -25.76
CA VAL B 171 -15.35 -14.43 -26.34
C VAL B 171 -15.33 -15.86 -25.83
N LYS B 172 -14.13 -16.47 -25.75
CA LYS B 172 -14.03 -17.80 -25.18
C LYS B 172 -14.30 -17.80 -23.68
N PHE B 173 -13.95 -16.71 -22.98
CA PHE B 173 -14.21 -16.63 -21.56
C PHE B 173 -15.70 -16.46 -21.29
N ASN B 174 -16.39 -15.66 -22.11
CA ASN B 174 -17.83 -15.48 -21.94
C ASN B 174 -18.61 -16.76 -22.21
N ALA B 175 -18.01 -17.73 -22.89
CA ALA B 175 -18.70 -19.00 -23.14
C ALA B 175 -18.96 -19.75 -21.84
N LEU B 176 -18.13 -19.55 -20.82
CA LEU B 176 -18.33 -20.20 -19.53
C LEU B 176 -19.57 -19.68 -18.82
N GLU B 177 -20.06 -18.50 -19.19
CA GLU B 177 -21.33 -17.96 -18.69
C GLU B 177 -21.29 -17.76 -17.17
N LEU B 178 -20.20 -17.17 -16.69
CA LEU B 178 -20.12 -16.77 -15.30
C LEU B 178 -20.98 -15.54 -15.06
N ASP B 179 -21.51 -15.42 -13.84
CA ASP B 179 -22.17 -14.20 -13.41
C ASP B 179 -21.27 -13.45 -12.43
N ASP B 180 -21.79 -12.34 -11.90
CA ASP B 180 -20.99 -11.45 -11.06
C ASP B 180 -20.56 -12.15 -9.77
N SER B 181 -21.43 -12.99 -9.20
CA SER B 181 -21.07 -13.70 -7.98
C SER B 181 -19.89 -14.64 -8.23
N ASP B 182 -19.86 -15.29 -9.39
CA ASP B 182 -18.71 -16.10 -9.76
C ASP B 182 -17.47 -15.24 -9.93
N LEU B 183 -17.59 -14.14 -10.69
CA LEU B 183 -16.44 -13.32 -11.02
C LEU B 183 -15.82 -12.68 -9.78
N ALA B 184 -16.64 -12.39 -8.76
CA ALA B 184 -16.12 -11.78 -7.54
C ALA B 184 -15.07 -12.66 -6.89
N LEU B 185 -15.32 -13.97 -6.82
CA LEU B 185 -14.36 -14.89 -6.25
C LEU B 185 -13.19 -15.13 -7.21
N PHE B 186 -13.49 -15.22 -8.51
CA PHE B 186 -12.45 -15.40 -9.51
C PHE B 186 -11.46 -14.25 -9.49
N ILE B 187 -11.95 -13.01 -9.38
CA ILE B 187 -11.08 -11.86 -9.31
C ILE B 187 -10.28 -11.87 -8.02
N ALA B 188 -10.92 -12.26 -6.91
CA ALA B 188 -10.21 -12.32 -5.63
C ALA B 188 -9.08 -13.32 -5.66
N ALA B 189 -9.30 -14.48 -6.30
CA ALA B 189 -8.25 -15.49 -6.42
C ALA B 189 -7.09 -15.00 -7.29
N ILE B 190 -7.39 -14.18 -8.30
CA ILE B 190 -6.33 -13.60 -9.13
C ILE B 190 -5.44 -12.70 -8.30
N ILE B 191 -6.03 -11.85 -7.46
CA ILE B 191 -5.26 -10.87 -6.70
C ILE B 191 -4.45 -11.56 -5.61
N LEU B 192 -5.07 -12.48 -4.88
CA LEU B 192 -4.40 -13.17 -3.78
C LEU B 192 -3.58 -14.33 -4.34
N CYS B 193 -2.49 -13.98 -5.01
CA CYS B 193 -1.65 -14.95 -5.70
C CYS B 193 -0.33 -15.11 -4.95
N GLY B 194 -0.01 -16.36 -4.59
CA GLY B 194 1.12 -16.60 -3.70
C GLY B 194 2.47 -16.41 -4.36
N ASP B 195 2.57 -16.64 -5.66
CA ASP B 195 3.86 -16.63 -6.35
C ASP B 195 4.13 -15.31 -7.08
N ARG B 196 3.71 -14.18 -6.52
CA ARG B 196 4.08 -12.91 -7.16
C ARG B 196 5.50 -12.53 -6.76
N PRO B 197 6.26 -11.92 -7.68
CA PRO B 197 7.66 -11.59 -7.38
C PRO B 197 7.77 -10.63 -6.20
N GLY B 198 8.72 -10.93 -5.32
CA GLY B 198 8.98 -10.04 -4.21
C GLY B 198 7.95 -10.06 -3.11
N LEU B 199 7.07 -11.06 -3.11
CA LEU B 199 6.09 -11.18 -2.03
C LEU B 199 6.78 -11.47 -0.71
N MET B 200 6.37 -10.76 0.33
CA MET B 200 7.01 -10.89 1.63
C MET B 200 6.43 -12.06 2.43
N ASN B 201 5.13 -12.03 2.70
CA ASN B 201 4.48 -13.07 3.48
C ASN B 201 3.80 -14.07 2.55
N VAL B 202 4.62 -14.90 1.92
CA VAL B 202 4.10 -15.91 0.99
C VAL B 202 3.13 -16.87 1.65
N PRO B 203 3.44 -17.48 2.81
CA PRO B 203 2.46 -18.43 3.39
C PRO B 203 1.11 -17.82 3.70
N ARG B 204 1.08 -16.55 4.13
CA ARG B 204 -0.19 -15.93 4.46
C ARG B 204 -1.03 -15.70 3.21
N VAL B 205 -0.39 -15.32 2.10
CA VAL B 205 -1.13 -15.12 0.85
C VAL B 205 -1.63 -16.44 0.30
N GLU B 206 -0.76 -17.47 0.31
CA GLU B 206 -1.18 -18.79 -0.14
C GLU B 206 -2.36 -19.32 0.68
N ALA B 207 -2.35 -19.06 1.98
CA ALA B 207 -3.45 -19.51 2.82
C ALA B 207 -4.74 -18.78 2.48
N ILE B 208 -4.66 -17.47 2.21
CA ILE B 208 -5.85 -16.72 1.80
C ILE B 208 -6.34 -17.21 0.44
N GLN B 209 -5.42 -17.43 -0.50
CA GLN B 209 -5.81 -17.93 -1.82
C GLN B 209 -6.53 -19.27 -1.71
N ASP B 210 -5.98 -20.18 -0.90
CA ASP B 210 -6.59 -21.50 -0.76
C ASP B 210 -8.03 -21.39 -0.25
N THR B 211 -8.26 -20.49 0.71
CA THR B 211 -9.62 -20.25 1.19
C THR B 211 -10.52 -19.74 0.07
N ILE B 212 -10.01 -18.81 -0.75
CA ILE B 212 -10.81 -18.27 -1.85
C ILE B 212 -11.13 -19.36 -2.86
N LEU B 213 -10.12 -20.16 -3.23
CA LEU B 213 -10.32 -21.23 -4.20
C LEU B 213 -11.31 -22.27 -3.67
N ARG B 214 -11.28 -22.55 -2.36
CA ARG B 214 -12.26 -23.45 -1.77
C ARG B 214 -13.65 -22.82 -1.82
N ALA B 215 -13.76 -21.53 -1.49
CA ALA B 215 -15.03 -20.84 -1.58
C ALA B 215 -15.55 -20.84 -3.01
N LEU B 216 -14.66 -20.63 -3.98
CA LEU B 216 -15.07 -20.62 -5.38
C LEU B 216 -15.61 -21.98 -5.81
N GLU B 217 -14.86 -23.04 -5.50
CA GLU B 217 -15.33 -24.39 -5.81
C GLU B 217 -16.70 -24.66 -5.22
N PHE B 218 -16.87 -24.35 -3.93
CA PHE B 218 -18.16 -24.52 -3.28
C PHE B 218 -19.23 -23.69 -3.97
N HIS B 219 -18.91 -22.45 -4.33
CA HIS B 219 -19.89 -21.58 -4.96
C HIS B 219 -20.30 -22.09 -6.34
N LEU B 220 -19.35 -22.64 -7.10
CA LEU B 220 -19.67 -23.14 -8.43
C LEU B 220 -20.61 -24.34 -8.36
N GLN B 221 -20.45 -25.20 -7.35
CA GLN B 221 -21.34 -26.35 -7.19
C GLN B 221 -22.78 -25.90 -7.01
N ALA B 222 -23.00 -24.87 -6.19
CA ALA B 222 -24.36 -24.40 -5.92
C ALA B 222 -24.91 -23.56 -7.07
N ASN B 223 -24.08 -22.68 -7.64
CA ASN B 223 -24.60 -21.73 -8.62
C ASN B 223 -24.66 -22.32 -10.03
N HIS B 224 -23.82 -23.31 -10.33
CA HIS B 224 -23.80 -23.97 -11.64
C HIS B 224 -23.83 -25.48 -11.43
N PRO B 225 -24.96 -26.02 -10.94
CA PRO B 225 -24.97 -27.44 -10.58
C PRO B 225 -24.80 -28.38 -11.76
N ASP B 226 -25.20 -27.97 -12.96
CA ASP B 226 -25.10 -28.83 -14.13
C ASP B 226 -23.82 -28.59 -14.94
N ALA B 227 -23.02 -27.59 -14.56
CA ALA B 227 -21.82 -27.27 -15.32
C ALA B 227 -20.72 -28.29 -15.05
N GLN B 228 -20.18 -28.86 -16.12
CA GLN B 228 -19.16 -29.90 -16.01
C GLN B 228 -17.77 -29.29 -16.04
N TYR B 229 -16.92 -29.73 -15.11
CA TYR B 229 -15.51 -29.36 -15.07
C TYR B 229 -15.29 -27.85 -14.98
N LEU B 230 -16.25 -27.13 -14.40
CA LEU B 230 -16.18 -25.67 -14.43
C LEU B 230 -15.02 -25.14 -13.61
N PHE B 231 -14.82 -25.68 -12.41
CA PHE B 231 -13.73 -25.19 -11.55
C PHE B 231 -12.36 -25.40 -12.16
N PRO B 232 -11.99 -26.57 -12.69
CA PRO B 232 -10.69 -26.68 -13.36
C PRO B 232 -10.61 -25.87 -14.64
N LYS B 233 -11.74 -25.61 -15.31
CA LYS B 233 -11.73 -24.73 -16.46
C LYS B 233 -11.34 -23.30 -16.06
N LEU B 234 -11.83 -22.85 -14.90
CA LEU B 234 -11.48 -21.50 -14.43
C LEU B 234 -10.04 -21.42 -13.96
N LEU B 235 -9.52 -22.50 -13.36
CA LEU B 235 -8.10 -22.55 -13.05
C LEU B 235 -7.26 -22.45 -14.31
N GLN B 236 -7.71 -23.10 -15.38
CA GLN B 236 -7.03 -22.96 -16.65
C GLN B 236 -7.12 -21.54 -17.19
N LYS B 237 -8.27 -20.88 -17.00
CA LYS B 237 -8.40 -19.49 -17.43
C LYS B 237 -7.42 -18.59 -16.69
N MET B 238 -7.18 -18.88 -15.40
CA MET B 238 -6.20 -18.11 -14.64
C MET B 238 -4.81 -18.27 -15.24
N ALA B 239 -4.47 -19.49 -15.68
CA ALA B 239 -3.19 -19.70 -16.36
C ALA B 239 -3.17 -19.00 -17.72
N ASP B 240 -4.30 -19.02 -18.44
CA ASP B 240 -4.38 -18.30 -19.71
C ASP B 240 -4.21 -16.81 -19.50
N LEU B 241 -4.74 -16.28 -18.40
CA LEU B 241 -4.64 -14.84 -18.13
C LEU B 241 -3.20 -14.43 -17.88
N ARG B 242 -2.41 -15.29 -17.23
CA ARG B 242 -1.01 -14.95 -17.00
C ARG B 242 -0.24 -14.91 -18.32
N GLN B 243 -0.55 -15.82 -19.24
CA GLN B 243 0.09 -15.79 -20.55
C GLN B 243 -0.38 -14.57 -21.35
N LEU B 244 -1.67 -14.22 -21.24
CA LEU B 244 -2.17 -13.04 -21.94
C LEU B 244 -1.46 -11.77 -21.48
N VAL B 245 -1.26 -11.63 -20.17
CA VAL B 245 -0.58 -10.46 -19.63
C VAL B 245 0.88 -10.45 -20.07
N THR B 246 1.53 -11.62 -20.06
CA THR B 246 2.92 -11.71 -20.49
C THR B 246 3.08 -11.21 -21.93
N GLU B 247 2.24 -11.71 -22.84
CA GLU B 247 2.28 -11.24 -24.22
C GLU B 247 1.94 -9.76 -24.32
N HIS B 248 1.02 -9.28 -23.47
CA HIS B 248 0.65 -7.87 -23.49
C HIS B 248 1.81 -7.00 -23.03
N ALA B 249 2.51 -7.40 -21.97
CA ALA B 249 3.66 -6.64 -21.49
C ALA B 249 4.74 -6.56 -22.56
N GLN B 250 4.94 -7.64 -23.31
CA GLN B 250 5.89 -7.62 -24.42
C GLN B 250 5.48 -6.58 -25.46
N MET B 251 4.19 -6.50 -25.76
CA MET B 251 3.71 -5.52 -26.72
C MET B 251 3.84 -4.10 -26.18
N MET B 252 3.58 -3.91 -24.89
CA MET B 252 3.78 -2.59 -24.28
C MET B 252 5.26 -2.19 -24.32
N GLN B 253 6.17 -3.16 -24.19
CA GLN B 253 7.59 -2.86 -24.31
C GLN B 253 7.94 -2.39 -25.72
N ARG B 254 7.31 -2.97 -26.73
CA ARG B 254 7.56 -2.54 -28.10
C ARG B 254 7.00 -1.14 -28.35
N ILE B 255 5.84 -0.83 -27.76
CA ILE B 255 5.29 0.52 -27.88
C ILE B 255 6.21 1.53 -27.21
N LYS B 256 6.71 1.20 -26.01
CA LYS B 256 7.64 2.07 -25.31
C LYS B 256 8.91 2.29 -26.12
N LYS B 257 9.35 1.27 -26.87
CA LYS B 257 10.59 1.37 -27.63
C LYS B 257 10.40 2.16 -28.93
N THR B 258 9.33 1.88 -29.67
CA THR B 258 9.19 2.38 -31.04
C THR B 258 8.24 3.57 -31.16
N GLU B 259 7.46 3.88 -30.14
CA GLU B 259 6.52 5.01 -30.17
C GLU B 259 6.94 6.02 -29.12
N THR B 260 8.12 6.63 -29.31
CA THR B 260 8.72 7.47 -28.29
C THR B 260 7.93 8.74 -28.01
N GLU B 261 7.13 9.21 -28.97
CA GLU B 261 6.32 10.40 -28.76
C GLU B 261 5.04 10.11 -27.98
N THR B 262 4.71 8.84 -27.76
CA THR B 262 3.50 8.46 -27.06
C THR B 262 3.76 8.40 -25.56
N SER B 263 2.90 9.04 -24.78
CA SER B 263 3.06 9.08 -23.34
C SER B 263 2.51 7.82 -22.69
N LEU B 264 3.11 7.46 -21.54
CA LEU B 264 2.62 6.37 -20.71
C LEU B 264 2.31 6.93 -19.33
N HIS B 265 1.09 6.67 -18.85
CA HIS B 265 0.65 7.19 -17.57
C HIS B 265 1.61 6.75 -16.46
N PRO B 266 1.89 7.61 -15.48
CA PRO B 266 2.88 7.24 -14.44
C PRO B 266 2.56 5.97 -13.68
N LEU B 267 1.27 5.73 -13.34
CA LEU B 267 0.91 4.50 -12.65
C LEU B 267 1.26 3.28 -13.50
N LEU B 268 1.12 3.39 -14.82
CA LEU B 268 1.44 2.27 -15.70
C LEU B 268 2.95 2.08 -15.86
N GLN B 269 3.72 3.16 -15.74
CA GLN B 269 5.17 3.02 -15.74
C GLN B 269 5.64 2.25 -14.52
N GLU B 270 4.98 2.44 -13.37
CA GLU B 270 5.37 1.72 -12.17
C GLU B 270 4.96 0.25 -12.24
N ILE B 271 3.82 -0.04 -12.86
CA ILE B 271 3.39 -1.42 -13.00
C ILE B 271 4.33 -2.19 -13.94
N TYR B 272 4.71 -1.57 -15.06
CA TYR B 272 5.52 -2.24 -16.07
C TYR B 272 7.01 -2.12 -15.82
N LYS B 273 7.44 -1.42 -14.77
CA LYS B 273 8.85 -1.35 -14.43
C LYS B 273 9.30 -2.73 -13.96
N ASP B 274 10.02 -3.44 -14.82
CA ASP B 274 10.48 -4.81 -14.58
C ASP B 274 9.46 -5.69 -13.87
#